data_5IM2
#
_entry.id   5IM2
#
_cell.length_a   51.014
_cell.length_b   71.864
_cell.length_c   78.603
_cell.angle_alpha   90.000
_cell.angle_beta   90.000
_cell.angle_gamma   90.000
#
_symmetry.space_group_name_H-M   'P 21 21 21'
#
loop_
_entity.id
_entity.type
_entity.pdbx_description
1 polymer 'Twin-arginine translocation pathway signal'
2 non-polymer 'BENZOIC ACID'
3 water water
#
_entity_poly.entity_id   1
_entity_poly.type   'polypeptide(L)'
_entity_poly.pdbx_seq_one_letter_code
;MHHHHHHSSGVDLGTENLYFQSMQRRSLLKTSAALALTAPAFSQAAATVTLKFHTFMAPQSNVWQNMHKVWMDKVSKESG
GRIQFEAYPAMQLGGSPAQLYDQAKDGVVDIIWTIPGYTAGRFPRIEVFELPFMMTNAEATSRACWEYMQTMALDEFKDT
QVLALQVHGPGVFHTKDKQIKTAADLKGLKMRGPTRQVTKMLGYLGAIPVGMPLPAIPDALSKGTIDGAALPWEVVPSVK
VHELTRFHSEFDPAGGALYTATFVLAMNKASYQALPPDLRKIIDNNSGLQTSGWLGRVQQAGDAAGRQAALAHKNTIYAI
PALEAQEFKRKAAVVEVAWVEDMNQRGFDGRQLLTTARALIAKHSKVAASPASAIAPAITRPKKT
;
_entity_poly.pdbx_strand_id   A
#
# COMPACT_ATOMS: atom_id res chain seq x y z
N THR A 48 -16.21 12.23 -26.33
CA THR A 48 -15.70 12.69 -25.03
C THR A 48 -16.35 11.92 -23.88
N VAL A 49 -15.57 11.69 -22.83
CA VAL A 49 -16.06 10.93 -21.70
C VAL A 49 -15.44 11.53 -20.45
N THR A 50 -16.24 11.70 -19.41
CA THR A 50 -15.76 12.21 -18.14
C THR A 50 -15.85 11.09 -17.12
N LEU A 51 -14.72 10.72 -16.55
CA LEU A 51 -14.64 9.65 -15.57
C LEU A 51 -14.47 10.23 -14.18
N LYS A 52 -15.21 9.68 -13.21
CA LYS A 52 -15.10 10.08 -11.82
C LYS A 52 -14.04 9.24 -11.12
N PHE A 53 -13.07 9.91 -10.51
CA PHE A 53 -11.96 9.30 -9.77
C PHE A 53 -12.09 9.66 -8.29
N HIS A 54 -12.04 8.67 -7.38
CA HIS A 54 -12.21 8.90 -5.96
C HIS A 54 -11.11 8.18 -5.17
N THR A 55 -10.59 8.85 -4.14
CA THR A 55 -9.64 8.21 -3.24
C THR A 55 -9.63 8.94 -1.91
N PHE A 56 -8.80 8.43 -0.98
CA PHE A 56 -8.79 8.89 0.40
C PHE A 56 -7.60 9.80 0.70
N MET A 57 -6.69 9.98 -0.27
CA MET A 57 -5.50 10.80 -0.09
C MET A 57 -5.88 12.27 -0.01
N ALA A 58 -5.13 13.00 0.81
CA ALA A 58 -5.22 14.45 0.82
C ALA A 58 -4.66 15.01 -0.47
N PRO A 59 -5.20 16.13 -0.97
CA PRO A 59 -4.64 16.70 -2.21
C PRO A 59 -3.18 17.14 -2.10
N GLN A 60 -2.70 17.52 -0.92
CA GLN A 60 -1.33 17.99 -0.80
C GLN A 60 -0.32 16.86 -0.57
N SER A 61 -0.67 15.64 -0.94
CA SER A 61 0.15 14.48 -0.70
C SER A 61 0.98 14.13 -1.91
N ASN A 62 2.09 13.42 -1.65
CA ASN A 62 2.93 12.86 -2.71
C ASN A 62 2.10 12.01 -3.67
N VAL A 63 1.23 11.14 -3.14
CA VAL A 63 0.42 10.30 -4.02
C VAL A 63 -0.47 11.13 -4.94
N TRP A 64 -1.27 12.03 -4.38
CA TRP A 64 -2.18 12.78 -5.25
C TRP A 64 -1.40 13.56 -6.28
N GLN A 65 -0.38 14.29 -5.85
CA GLN A 65 0.31 15.23 -6.73
C GLN A 65 1.16 14.51 -7.77
N ASN A 66 1.86 13.44 -7.39
CA ASN A 66 2.86 12.84 -8.25
C ASN A 66 2.47 11.50 -8.82
N MET A 67 1.36 10.91 -8.37
CA MET A 67 0.86 9.67 -8.95
C MET A 67 -0.51 9.86 -9.56
N HIS A 68 -1.51 10.25 -8.76
CA HIS A 68 -2.88 10.35 -9.26
C HIS A 68 -3.04 11.43 -10.33
N LYS A 69 -2.64 12.68 -10.02
CA LYS A 69 -2.77 13.76 -11.00
C LYS A 69 -1.93 13.49 -12.24
N VAL A 70 -0.77 12.91 -12.04
CA VAL A 70 0.11 12.61 -13.18
C VAL A 70 -0.52 11.55 -14.08
N TRP A 71 -1.10 10.51 -13.48
CA TRP A 71 -1.69 9.46 -14.30
C TRP A 71 -2.89 9.97 -15.07
N MET A 72 -3.81 10.68 -14.40
CA MET A 72 -4.96 11.24 -15.10
C MET A 72 -4.54 12.20 -16.21
N ASP A 73 -3.54 13.03 -15.95
CA ASP A 73 -3.11 13.98 -16.98
C ASP A 73 -2.49 13.27 -18.18
N LYS A 74 -1.70 12.22 -17.94
CA LYS A 74 -1.12 11.45 -19.05
C LYS A 74 -2.21 10.81 -19.89
N VAL A 75 -3.22 10.23 -19.24
CA VAL A 75 -4.37 9.66 -19.97
C VAL A 75 -5.11 10.76 -20.73
N SER A 76 -5.36 11.90 -20.10
CA SER A 76 -6.06 12.97 -20.81
C SER A 76 -5.24 13.44 -22.00
N LYS A 77 -3.96 13.72 -21.79
CA LYS A 77 -3.11 14.25 -22.88
C LYS A 77 -3.00 13.25 -24.02
N GLU A 78 -2.78 11.97 -23.71
CA GLU A 78 -2.65 10.96 -24.74
C GLU A 78 -3.94 10.77 -25.52
N SER A 79 -5.09 11.11 -24.94
CA SER A 79 -6.37 11.03 -25.61
C SER A 79 -6.74 12.32 -26.33
N GLY A 80 -5.82 13.28 -26.40
CA GLY A 80 -6.15 14.57 -26.99
C GLY A 80 -7.31 15.25 -26.30
N GLY A 81 -7.45 15.02 -25.00
CA GLY A 81 -8.51 15.63 -24.22
C GLY A 81 -9.85 14.95 -24.31
N ARG A 82 -9.95 13.82 -25.02
CA ARG A 82 -11.24 13.17 -25.14
C ARG A 82 -11.63 12.46 -23.87
N ILE A 83 -10.66 12.08 -23.04
CA ILE A 83 -10.93 11.53 -21.72
C ILE A 83 -10.64 12.61 -20.69
N GLN A 84 -11.68 12.99 -19.95
CA GLN A 84 -11.57 13.98 -18.90
C GLN A 84 -11.96 13.35 -17.57
N PHE A 85 -11.47 13.90 -16.48
CA PHE A 85 -11.75 13.36 -15.15
C PHE A 85 -12.39 14.40 -14.26
N GLU A 86 -13.39 13.97 -13.50
CA GLU A 86 -13.84 14.68 -12.30
C GLU A 86 -13.25 13.92 -11.14
N ALA A 87 -12.21 14.49 -10.53
CA ALA A 87 -11.40 13.79 -9.56
C ALA A 87 -11.73 14.28 -8.16
N TYR A 88 -11.76 13.36 -7.20
CA TYR A 88 -12.17 13.67 -5.83
C TYR A 88 -11.20 13.06 -4.84
N PRO A 89 -10.34 13.85 -4.21
CA PRO A 89 -9.48 13.34 -3.14
C PRO A 89 -10.22 13.34 -1.80
N ALA A 90 -9.54 12.86 -0.75
CA ALA A 90 -9.93 13.12 0.65
C ALA A 90 -11.36 12.63 0.93
N MET A 91 -11.73 11.53 0.29
CA MET A 91 -13.08 10.95 0.38
C MET A 91 -14.18 12.00 0.20
N GLN A 92 -13.98 12.95 -0.71
CA GLN A 92 -14.91 14.08 -0.80
C GLN A 92 -16.29 13.68 -1.26
N LEU A 93 -16.44 12.54 -1.90
CA LEU A 93 -17.75 12.06 -2.33
C LEU A 93 -18.44 11.18 -1.30
N GLY A 94 -17.88 11.09 -0.10
CA GLY A 94 -18.56 10.39 0.97
C GLY A 94 -18.05 8.96 1.15
N GLY A 95 -18.22 8.46 2.36
CA GLY A 95 -17.89 7.09 2.68
C GLY A 95 -16.56 6.96 3.37
N SER A 96 -16.32 5.75 3.87
CA SER A 96 -15.04 5.36 4.46
C SER A 96 -14.08 4.87 3.39
N PRO A 97 -12.78 4.90 3.65
CA PRO A 97 -11.85 4.36 2.65
C PRO A 97 -12.11 2.90 2.31
N ALA A 98 -12.55 2.09 3.29
CA ALA A 98 -12.88 0.70 3.02
C ALA A 98 -13.96 0.54 1.96
N GLN A 99 -14.79 1.56 1.74
CA GLN A 99 -15.89 1.51 0.77
C GLN A 99 -15.48 1.87 -0.66
N LEU A 100 -14.24 2.33 -0.89
CA LEU A 100 -13.83 2.79 -2.23
C LEU A 100 -14.02 1.71 -3.27
N TYR A 101 -13.53 0.49 -2.99
CA TYR A 101 -13.59 -0.56 -3.99
C TYR A 101 -15.03 -0.80 -4.45
N ASP A 102 -15.97 -0.92 -3.52
CA ASP A 102 -17.37 -1.14 -3.86
C ASP A 102 -17.99 0.05 -4.59
N GLN A 103 -17.50 1.27 -4.35
CA GLN A 103 -18.02 2.40 -5.10
C GLN A 103 -17.69 2.28 -6.58
N ALA A 104 -16.48 1.82 -6.91
CA ALA A 104 -16.14 1.58 -8.31
C ALA A 104 -16.93 0.41 -8.84
N LYS A 105 -16.93 -0.69 -8.10
CA LYS A 105 -17.70 -1.85 -8.53
C LYS A 105 -19.15 -1.48 -8.81
N ASP A 106 -19.76 -0.65 -7.95
CA ASP A 106 -21.18 -0.32 -8.07
C ASP A 106 -21.45 0.82 -9.05
N GLY A 107 -20.42 1.47 -9.56
CA GLY A 107 -20.61 2.54 -10.51
C GLY A 107 -21.05 3.86 -9.91
N VAL A 108 -20.89 4.00 -8.60
CA VAL A 108 -20.99 5.31 -7.95
C VAL A 108 -19.92 6.24 -8.50
N VAL A 109 -18.70 5.72 -8.64
CA VAL A 109 -17.63 6.37 -9.39
C VAL A 109 -17.07 5.42 -10.43
N ASP A 110 -16.17 5.92 -11.28
CA ASP A 110 -15.56 5.08 -12.32
C ASP A 110 -14.21 4.48 -11.92
N ILE A 111 -13.35 5.21 -11.21
CA ILE A 111 -12.01 4.73 -10.87
C ILE A 111 -11.71 5.07 -9.42
N ILE A 112 -11.15 4.10 -8.69
CA ILE A 112 -10.69 4.31 -7.33
C ILE A 112 -9.26 3.81 -7.18
N TRP A 113 -8.56 4.35 -6.17
CA TRP A 113 -7.27 3.87 -5.71
C TRP A 113 -7.39 3.64 -4.22
N THR A 114 -7.19 2.40 -3.79
CA THR A 114 -7.40 2.03 -2.39
C THR A 114 -6.43 0.94 -1.98
N ILE A 115 -6.38 0.68 -0.67
CA ILE A 115 -5.72 -0.50 -0.11
C ILE A 115 -6.76 -1.62 0.00
N PRO A 116 -6.59 -2.75 -0.73
CA PRO A 116 -7.53 -3.87 -0.59
C PRO A 116 -7.79 -4.28 0.85
N GLY A 117 -6.75 -4.36 1.69
CA GLY A 117 -6.87 -4.81 3.08
C GLY A 117 -7.58 -3.84 3.99
N TYR A 118 -7.93 -2.64 3.52
CA TYR A 118 -8.88 -1.83 4.28
C TYR A 118 -10.23 -2.51 4.44
N THR A 119 -10.54 -3.51 3.61
CA THR A 119 -11.76 -4.31 3.71
C THR A 119 -11.34 -5.72 4.15
N ALA A 120 -11.50 -6.01 5.43
CA ALA A 120 -11.04 -7.23 6.11
C ALA A 120 -11.35 -8.52 5.35
N GLY A 121 -10.32 -9.32 5.10
CA GLY A 121 -10.47 -10.64 4.49
C GLY A 121 -11.22 -10.73 3.16
N ARG A 122 -11.46 -9.61 2.49
CA ARG A 122 -12.09 -9.62 1.17
C ARG A 122 -11.13 -10.06 0.07
N PHE A 123 -9.85 -9.70 0.18
CA PHE A 123 -8.86 -9.95 -0.86
C PHE A 123 -7.69 -10.73 -0.26
N PRO A 124 -7.91 -12.00 0.07
CA PRO A 124 -6.89 -12.73 0.84
C PRO A 124 -5.62 -13.02 0.07
N ARG A 125 -5.69 -13.27 -1.24
CA ARG A 125 -4.46 -13.75 -1.89
C ARG A 125 -3.43 -12.65 -2.16
N ILE A 126 -3.86 -11.40 -2.38
CA ILE A 126 -2.91 -10.34 -2.64
C ILE A 126 -2.09 -10.02 -1.39
N GLU A 127 -2.56 -10.46 -0.22
CA GLU A 127 -1.91 -10.19 1.05
C GLU A 127 -0.52 -10.81 1.18
N VAL A 128 -0.13 -11.72 0.28
CA VAL A 128 1.18 -12.34 0.34
C VAL A 128 2.27 -11.26 0.34
N PHE A 129 2.00 -10.13 -0.32
CA PHE A 129 3.01 -9.08 -0.44
C PHE A 129 3.16 -8.22 0.80
N GLU A 130 2.24 -8.40 1.74
CA GLU A 130 2.21 -7.71 3.03
C GLU A 130 2.83 -8.53 4.14
N LEU A 131 3.33 -9.73 3.85
CA LEU A 131 3.95 -10.57 4.85
C LEU A 131 5.34 -10.06 5.21
N PRO A 132 5.88 -10.48 6.34
CA PRO A 132 7.13 -9.86 6.79
C PRO A 132 8.26 -10.11 5.80
N PHE A 133 9.03 -9.06 5.54
CA PHE A 133 10.31 -9.16 4.80
C PHE A 133 10.13 -9.86 3.46
N MET A 134 9.15 -9.37 2.68
CA MET A 134 8.89 -9.83 1.31
C MET A 134 9.49 -8.92 0.24
N MET A 135 9.44 -7.61 0.44
CA MET A 135 9.75 -6.67 -0.63
C MET A 135 11.24 -6.43 -0.78
N THR A 136 11.67 -6.23 -2.02
CA THR A 136 12.99 -5.69 -2.31
C THR A 136 12.86 -4.16 -2.42
N ASN A 137 12.48 -3.66 -3.60
CA ASN A 137 12.07 -2.26 -3.76
C ASN A 137 10.64 -2.20 -4.31
N ALA A 138 9.99 -1.04 -4.15
CA ALA A 138 8.58 -0.94 -4.51
C ALA A 138 8.32 -1.14 -6.00
N GLU A 139 9.21 -0.63 -6.88
CA GLU A 139 9.00 -0.82 -8.31
C GLU A 139 8.99 -2.31 -8.66
N ALA A 140 10.02 -3.03 -8.26
CA ALA A 140 10.11 -4.46 -8.55
C ALA A 140 8.94 -5.24 -7.93
N THR A 141 8.65 -4.96 -6.66
CA THR A 141 7.59 -5.69 -5.95
C THR A 141 6.21 -5.36 -6.52
N SER A 142 6.00 -4.11 -6.95
CA SER A 142 4.77 -3.77 -7.66
C SER A 142 4.62 -4.55 -8.95
N ARG A 143 5.69 -4.66 -9.74
CA ARG A 143 5.60 -5.45 -10.96
C ARG A 143 5.24 -6.89 -10.64
N ALA A 144 5.88 -7.44 -9.61
CA ALA A 144 5.57 -8.80 -9.16
C ALA A 144 4.13 -8.96 -8.75
N CYS A 145 3.58 -7.95 -8.07
CA CYS A 145 2.17 -7.99 -7.66
C CYS A 145 1.26 -8.07 -8.87
N TRP A 146 1.52 -7.24 -9.88
CA TRP A 146 0.70 -7.29 -11.10
C TRP A 146 0.68 -8.70 -11.70
N GLU A 147 1.87 -9.26 -11.93
CA GLU A 147 1.98 -10.56 -12.57
C GLU A 147 1.37 -11.66 -11.72
N TYR A 148 1.59 -11.61 -10.41
CA TYR A 148 0.96 -12.57 -9.49
C TYR A 148 -0.56 -12.57 -9.61
N MET A 149 -1.19 -11.40 -9.55
CA MET A 149 -2.65 -11.42 -9.57
C MET A 149 -3.16 -11.88 -10.93
N GLN A 150 -2.46 -11.49 -12.00
CA GLN A 150 -2.91 -11.80 -13.35
C GLN A 150 -2.85 -13.29 -13.61
N THR A 151 -1.83 -13.96 -13.09
CA THR A 151 -1.58 -15.34 -13.45
C THR A 151 -2.10 -16.32 -12.41
N MET A 152 -2.12 -15.92 -11.13
CA MET A 152 -2.41 -16.81 -10.02
C MET A 152 -3.78 -16.59 -9.40
N ALA A 153 -4.35 -15.39 -9.48
CA ALA A 153 -5.49 -15.01 -8.67
C ALA A 153 -6.34 -14.01 -9.46
N LEU A 154 -6.64 -14.36 -10.72
CA LEU A 154 -7.39 -13.44 -11.58
C LEU A 154 -8.81 -13.26 -11.08
N ASP A 155 -9.37 -14.24 -10.36
CA ASP A 155 -10.75 -14.10 -9.91
C ASP A 155 -10.89 -13.21 -8.68
N GLU A 156 -9.80 -12.85 -8.01
CA GLU A 156 -9.91 -12.10 -6.75
C GLU A 156 -10.48 -10.71 -6.97
N PHE A 157 -10.21 -10.10 -8.11
CA PHE A 157 -10.71 -8.78 -8.44
C PHE A 157 -11.61 -8.80 -9.66
N LYS A 158 -12.25 -9.93 -9.94
CA LYS A 158 -12.93 -10.09 -11.22
C LYS A 158 -14.17 -9.22 -11.33
N ASP A 159 -14.59 -8.57 -10.25
CA ASP A 159 -15.76 -7.72 -10.29
C ASP A 159 -15.43 -6.29 -10.67
N THR A 160 -14.14 -5.99 -10.95
CA THR A 160 -13.75 -4.72 -11.51
C THR A 160 -12.77 -4.96 -12.65
N GLN A 161 -12.45 -3.88 -13.35
CA GLN A 161 -11.36 -3.86 -14.31
C GLN A 161 -10.14 -3.28 -13.60
N VAL A 162 -9.18 -4.14 -13.26
CA VAL A 162 -7.99 -3.67 -12.56
C VAL A 162 -7.03 -3.04 -13.55
N LEU A 163 -6.71 -1.78 -13.31
CA LEU A 163 -5.79 -1.04 -14.12
C LEU A 163 -4.36 -1.15 -13.65
N ALA A 164 -4.12 -1.27 -12.33
CA ALA A 164 -2.77 -1.36 -11.78
C ALA A 164 -2.84 -1.88 -10.36
N LEU A 165 -1.70 -2.45 -9.93
CA LEU A 165 -1.47 -3.03 -8.60
C LEU A 165 -0.07 -2.63 -8.17
N GLN A 166 0.11 -2.22 -6.91
CA GLN A 166 1.42 -1.73 -6.47
C GLN A 166 1.53 -1.75 -4.95
N VAL A 167 2.76 -1.54 -4.50
CA VAL A 167 3.10 -1.48 -3.08
C VAL A 167 3.80 -0.14 -2.83
N HIS A 168 3.95 0.22 -1.55
CA HIS A 168 4.72 1.39 -1.17
C HIS A 168 6.13 1.03 -0.70
N GLY A 169 6.91 2.06 -0.29
CA GLY A 169 8.25 1.85 0.19
C GLY A 169 8.26 1.14 1.54
N PRO A 170 9.46 0.88 2.06
CA PRO A 170 9.55 0.10 3.31
C PRO A 170 8.83 0.77 4.47
N GLY A 171 8.11 -0.04 5.25
CA GLY A 171 7.41 0.50 6.40
C GLY A 171 8.34 1.00 7.49
N VAL A 172 7.89 2.04 8.20
CA VAL A 172 8.66 2.68 9.27
C VAL A 172 7.75 2.78 10.49
N PHE A 173 8.35 2.73 11.69
CA PHE A 173 7.62 2.97 12.92
C PHE A 173 7.69 4.44 13.31
N HIS A 174 6.54 5.01 13.66
CA HIS A 174 6.43 6.39 14.11
C HIS A 174 5.74 6.38 15.47
N THR A 175 6.44 6.83 16.51
CA THR A 175 5.90 6.76 17.86
C THR A 175 5.98 8.11 18.54
N LYS A 176 5.08 8.32 19.50
CA LYS A 176 5.04 9.59 20.20
C LYS A 176 6.16 9.71 21.25
N ASP A 177 6.42 8.65 22.01
CA ASP A 177 7.22 8.74 23.22
C ASP A 177 8.39 7.76 23.31
N LYS A 178 8.24 6.54 22.75
CA LYS A 178 9.24 5.49 22.93
C LYS A 178 10.03 5.30 21.65
N GLN A 179 11.36 5.37 21.76
CA GLN A 179 12.19 4.95 20.64
C GLN A 179 12.20 3.44 20.52
N ILE A 180 12.06 2.95 19.28
CA ILE A 180 12.03 1.52 18.99
C ILE A 180 13.41 1.11 18.49
N LYS A 181 14.24 0.55 19.37
CA LYS A 181 15.52 0.00 18.95
C LYS A 181 15.46 -1.51 18.75
N THR A 182 14.72 -2.21 19.59
CA THR A 182 14.52 -3.65 19.49
C THR A 182 13.03 -3.96 19.57
N ALA A 183 12.67 -5.21 19.24
CA ALA A 183 11.27 -5.61 19.29
C ALA A 183 10.67 -5.48 20.69
N ALA A 184 11.46 -5.71 21.75
CA ALA A 184 10.93 -5.53 23.10
C ALA A 184 10.42 -4.12 23.36
N ASP A 185 10.91 -3.13 22.61
CA ASP A 185 10.45 -1.76 22.81
C ASP A 185 9.00 -1.56 22.36
N LEU A 186 8.44 -2.52 21.66
CA LEU A 186 7.07 -2.43 21.19
C LEU A 186 6.06 -3.01 22.16
N LYS A 187 6.54 -3.68 23.20
CA LYS A 187 5.66 -4.42 24.10
C LYS A 187 4.60 -3.49 24.67
N GLY A 188 3.33 -3.86 24.49
CA GLY A 188 2.22 -3.14 25.06
C GLY A 188 1.90 -1.81 24.42
N LEU A 189 2.69 -1.36 23.43
CA LEU A 189 2.34 -0.15 22.70
C LEU A 189 1.15 -0.38 21.78
N LYS A 190 0.22 0.57 21.80
CA LYS A 190 -0.89 0.56 20.86
C LYS A 190 -0.40 1.12 19.52
N MET A 191 -0.25 0.24 18.53
CA MET A 191 0.36 0.55 17.25
C MET A 191 -0.63 0.33 16.10
N ARG A 192 -0.78 1.35 15.27
CA ARG A 192 -1.63 1.25 14.08
C ARG A 192 -0.96 0.50 12.94
N GLY A 193 -1.75 -0.35 12.28
CA GLY A 193 -1.38 -0.88 10.98
C GLY A 193 -2.53 -0.74 10.00
N PRO A 194 -2.23 -0.84 8.70
CA PRO A 194 -3.25 -0.60 7.69
C PRO A 194 -4.14 -1.80 7.35
N THR A 195 -3.64 -3.02 7.55
CA THR A 195 -4.34 -4.22 7.12
C THR A 195 -4.12 -5.33 8.15
N ARG A 196 -4.91 -6.41 8.04
CA ARG A 196 -4.81 -7.51 9.01
C ARG A 196 -3.43 -8.20 8.98
N GLN A 197 -2.75 -8.30 7.82
CA GLN A 197 -1.45 -8.96 7.90
C GLN A 197 -0.44 -8.10 8.63
N VAL A 198 -0.53 -6.76 8.52
CA VAL A 198 0.41 -5.94 9.26
C VAL A 198 0.08 -5.94 10.75
N THR A 199 -1.22 -5.93 11.09
CA THR A 199 -1.59 -5.96 12.51
C THR A 199 -1.27 -7.31 13.13
N LYS A 200 -1.35 -8.38 12.34
CA LYS A 200 -0.92 -9.69 12.84
C LYS A 200 0.57 -9.68 13.16
N MET A 201 1.37 -9.07 12.30
N MET A 201 1.39 -9.11 12.29
CA MET A 201 2.81 -8.95 12.54
CA MET A 201 2.82 -8.98 12.59
C MET A 201 3.10 -8.09 13.75
C MET A 201 3.01 -8.15 13.84
N LEU A 202 2.33 -7.00 13.95
CA LEU A 202 2.54 -6.17 15.13
C LEU A 202 2.21 -6.94 16.40
N GLY A 203 1.19 -7.78 16.37
CA GLY A 203 0.84 -8.55 17.56
C GLY A 203 1.90 -9.53 17.95
N TYR A 204 2.52 -10.15 16.97
CA TYR A 204 3.60 -11.08 17.27
C TYR A 204 4.85 -10.36 17.77
N LEU A 205 5.00 -9.05 17.48
CA LEU A 205 6.10 -8.27 18.02
C LEU A 205 5.84 -7.80 19.44
N GLY A 206 4.62 -7.96 19.95
CA GLY A 206 4.26 -7.61 21.29
C GLY A 206 3.42 -6.35 21.43
N ALA A 207 3.16 -5.64 20.34
CA ALA A 207 2.32 -4.46 20.37
C ALA A 207 0.84 -4.86 20.51
N ILE A 208 0.03 -3.92 20.97
CA ILE A 208 -1.42 -4.02 20.86
C ILE A 208 -1.83 -3.44 19.50
N PRO A 209 -2.21 -4.27 18.53
CA PRO A 209 -2.45 -3.73 17.21
C PRO A 209 -3.83 -3.12 17.06
N VAL A 210 -3.88 -2.06 16.24
CA VAL A 210 -5.08 -1.29 15.95
C VAL A 210 -5.12 -1.10 14.44
N GLY A 211 -6.16 -1.60 13.79
CA GLY A 211 -6.35 -1.35 12.38
C GLY A 211 -7.16 -0.10 12.12
N MET A 212 -6.68 0.73 11.19
CA MET A 212 -7.49 1.87 10.76
C MET A 212 -6.88 2.43 9.47
N PRO A 213 -7.68 3.08 8.62
CA PRO A 213 -7.12 3.67 7.42
C PRO A 213 -6.38 4.98 7.68
N LEU A 214 -5.61 5.39 6.68
CA LEU A 214 -4.70 6.52 6.83
C LEU A 214 -5.36 7.76 7.41
N PRO A 215 -6.52 8.24 6.91
CA PRO A 215 -7.02 9.55 7.37
C PRO A 215 -7.41 9.57 8.84
N ALA A 216 -7.65 8.41 9.46
CA ALA A 216 -8.03 8.29 10.86
C ALA A 216 -6.86 8.47 11.81
N ILE A 217 -5.62 8.51 11.30
CA ILE A 217 -4.46 8.39 12.18
C ILE A 217 -4.29 9.64 13.03
N PRO A 218 -4.41 10.85 12.47
CA PRO A 218 -4.26 12.05 13.31
C PRO A 218 -5.21 12.11 14.50
N ASP A 219 -6.52 11.88 14.28
CA ASP A 219 -7.47 11.95 15.39
C ASP A 219 -7.17 10.88 16.42
N ALA A 220 -6.63 9.73 15.99
CA ALA A 220 -6.28 8.69 16.94
C ALA A 220 -5.01 9.03 17.70
N LEU A 221 -4.01 9.58 17.02
CA LEU A 221 -2.82 10.03 17.73
C LEU A 221 -3.19 11.11 18.75
N SER A 222 -4.09 12.02 18.39
CA SER A 222 -4.35 13.16 19.27
C SER A 222 -5.21 12.77 20.45
N LYS A 223 -6.23 11.94 20.24
CA LYS A 223 -7.02 11.51 21.38
C LYS A 223 -6.33 10.41 22.18
N GLY A 224 -5.22 9.86 21.67
CA GLY A 224 -4.43 8.89 22.40
C GLY A 224 -4.89 7.45 22.30
N THR A 225 -5.71 7.08 21.31
CA THR A 225 -6.06 5.67 21.19
C THR A 225 -4.95 4.86 20.54
N ILE A 226 -3.93 5.51 20.01
CA ILE A 226 -2.71 4.83 19.56
C ILE A 226 -1.50 5.60 20.05
N ASP A 227 -0.42 4.83 20.31
CA ASP A 227 0.89 5.33 20.70
C ASP A 227 1.78 5.60 19.48
N GLY A 228 1.45 5.04 18.35
CA GLY A 228 2.33 5.10 17.19
C GLY A 228 1.65 4.44 16.02
N ALA A 229 2.32 4.51 14.88
CA ALA A 229 1.75 4.02 13.62
C ALA A 229 2.85 3.47 12.74
N ALA A 230 2.50 2.44 11.99
CA ALA A 230 3.34 1.93 10.92
C ALA A 230 2.91 2.63 9.64
N LEU A 231 3.85 3.35 9.00
CA LEU A 231 3.63 4.03 7.74
C LEU A 231 4.94 4.05 6.97
N PRO A 232 4.92 4.08 5.64
CA PRO A 232 6.13 4.46 4.92
C PRO A 232 6.40 5.96 5.07
N TRP A 233 7.63 6.36 4.75
CA TRP A 233 8.05 7.74 4.92
C TRP A 233 7.25 8.70 4.04
N GLU A 234 6.88 8.27 2.83
CA GLU A 234 6.42 9.21 1.83
C GLU A 234 5.10 9.88 2.25
N VAL A 235 4.25 9.17 3.00
CA VAL A 235 2.91 9.65 3.33
C VAL A 235 2.91 10.50 4.58
N VAL A 236 3.99 10.47 5.35
CA VAL A 236 3.97 11.03 6.70
C VAL A 236 3.59 12.51 6.69
N PRO A 237 4.17 13.35 5.85
CA PRO A 237 3.80 14.77 5.90
C PRO A 237 2.37 15.06 5.50
N SER A 238 1.73 14.20 4.69
CA SER A 238 0.38 14.49 4.24
C SER A 238 -0.63 14.42 5.38
N VAL A 239 -0.30 13.67 6.43
CA VAL A 239 -1.13 13.57 7.64
C VAL A 239 -0.44 14.21 8.83
N LYS A 240 0.61 15.00 8.59
CA LYS A 240 1.30 15.76 9.62
C LYS A 240 1.71 14.86 10.77
N VAL A 241 2.13 13.63 10.42
CA VAL A 241 2.54 12.69 11.47
C VAL A 241 3.90 13.06 12.05
N HIS A 242 4.74 13.77 11.30
CA HIS A 242 5.98 14.26 11.88
C HIS A 242 5.73 15.33 12.94
N GLU A 243 4.55 15.94 12.95
CA GLU A 243 4.21 16.89 14.00
C GLU A 243 3.58 16.22 15.20
N LEU A 244 3.02 15.02 15.02
CA LEU A 244 2.30 14.30 16.06
C LEU A 244 3.11 13.19 16.71
N THR A 245 4.31 12.91 16.20
CA THR A 245 5.19 11.87 16.74
C THR A 245 6.60 12.42 16.81
N ARG A 246 7.44 11.82 17.66
CA ARG A 246 8.78 12.34 17.90
C ARG A 246 9.88 11.38 17.48
N PHE A 247 9.57 10.09 17.36
CA PHE A 247 10.56 9.05 17.16
C PHE A 247 10.20 8.26 15.91
N HIS A 248 11.22 7.95 15.11
CA HIS A 248 11.02 7.19 13.88
C HIS A 248 12.09 6.12 13.79
N SER A 249 11.68 4.88 13.60
CA SER A 249 12.62 3.77 13.41
C SER A 249 12.37 3.16 12.05
N GLU A 250 13.34 3.31 11.15
CA GLU A 250 13.37 2.65 9.87
C GLU A 250 14.28 1.43 9.95
N PHE A 251 14.24 0.60 8.92
CA PHE A 251 15.10 -0.57 8.81
C PHE A 251 16.19 -0.32 7.79
N ASP A 252 17.44 -0.55 8.18
CA ASP A 252 18.52 -0.44 7.21
C ASP A 252 18.22 -1.37 6.04
N PRO A 253 18.38 -0.91 4.80
CA PRO A 253 18.06 -1.78 3.64
C PRO A 253 18.73 -3.14 3.67
N ALA A 254 19.94 -3.23 4.23
CA ALA A 254 20.63 -4.51 4.33
C ALA A 254 19.80 -5.57 5.02
N GLY A 255 18.88 -5.17 5.90
CA GLY A 255 18.04 -6.10 6.63
C GLY A 255 16.72 -6.39 5.98
N GLY A 256 16.43 -5.78 4.84
CA GLY A 256 15.13 -5.95 4.21
C GLY A 256 14.12 -4.93 4.68
N ALA A 257 12.89 -5.15 4.26
CA ALA A 257 11.77 -4.27 4.53
C ALA A 257 10.79 -5.02 5.42
N LEU A 258 10.50 -4.46 6.58
CA LEU A 258 9.64 -5.16 7.51
C LEU A 258 8.29 -5.49 6.86
N TYR A 259 7.65 -4.50 6.23
CA TYR A 259 6.39 -4.76 5.53
C TYR A 259 6.19 -3.71 4.45
N THR A 260 5.26 -4.01 3.54
CA THR A 260 4.64 -3.02 2.69
C THR A 260 3.16 -3.35 2.58
N ALA A 261 2.39 -2.38 2.10
CA ALA A 261 0.97 -2.57 1.85
C ALA A 261 0.71 -2.52 0.35
N THR A 262 -0.33 -3.23 -0.08
CA THR A 262 -0.73 -3.27 -1.47
C THR A 262 -1.83 -2.28 -1.76
N PHE A 263 -1.84 -1.80 -2.99
CA PHE A 263 -2.82 -0.86 -3.49
C PHE A 263 -3.34 -1.36 -4.81
N VAL A 264 -4.61 -1.06 -5.07
CA VAL A 264 -5.25 -1.36 -6.35
C VAL A 264 -5.83 -0.09 -6.95
N LEU A 265 -5.61 0.08 -8.27
CA LEU A 265 -6.23 1.10 -9.08
C LEU A 265 -7.27 0.35 -9.89
N ALA A 266 -8.53 0.50 -9.53
CA ALA A 266 -9.62 -0.28 -10.09
C ALA A 266 -10.68 0.58 -10.79
N MET A 267 -11.21 0.07 -11.90
CA MET A 267 -12.22 0.75 -12.71
C MET A 267 -13.51 -0.05 -12.76
N ASN A 268 -14.64 0.65 -12.76
CA ASN A 268 -15.93 0.03 -13.03
C ASN A 268 -15.92 -0.71 -14.36
N LYS A 269 -16.35 -1.98 -14.36
CA LYS A 269 -16.30 -2.79 -15.57
C LYS A 269 -17.26 -2.27 -16.65
N ALA A 270 -18.47 -1.90 -16.27
CA ALA A 270 -19.42 -1.36 -17.24
C ALA A 270 -18.87 -0.11 -17.92
N SER A 271 -18.25 0.77 -17.14
CA SER A 271 -17.72 2.02 -17.66
C SER A 271 -16.59 1.77 -18.64
N TYR A 272 -15.74 0.80 -18.34
CA TYR A 272 -14.62 0.47 -19.19
C TYR A 272 -15.07 -0.17 -20.50
N GLN A 273 -16.00 -1.12 -20.42
CA GLN A 273 -16.54 -1.73 -21.63
C GLN A 273 -17.31 -0.73 -22.49
N ALA A 274 -17.86 0.32 -21.87
CA ALA A 274 -18.60 1.34 -22.59
C ALA A 274 -17.73 2.36 -23.31
N LEU A 275 -16.42 2.36 -23.11
CA LEU A 275 -15.56 3.31 -23.78
C LEU A 275 -15.50 2.98 -25.27
N PRO A 276 -15.32 3.98 -26.13
CA PRO A 276 -14.96 3.68 -27.51
C PRO A 276 -13.70 2.83 -27.51
N PRO A 277 -13.58 1.92 -28.47
CA PRO A 277 -12.34 1.14 -28.54
C PRO A 277 -11.09 2.02 -28.51
N ASP A 278 -11.08 3.17 -29.17
CA ASP A 278 -9.85 3.96 -29.23
C ASP A 278 -9.48 4.51 -27.86
N LEU A 279 -10.48 4.91 -27.05
CA LEU A 279 -10.19 5.41 -25.71
C LEU A 279 -9.91 4.29 -24.73
N ARG A 280 -10.57 3.14 -24.89
CA ARG A 280 -10.20 1.97 -24.12
C ARG A 280 -8.73 1.63 -24.34
N LYS A 281 -8.24 1.75 -25.57
CA LYS A 281 -6.83 1.44 -25.82
C LYS A 281 -5.91 2.39 -25.04
N ILE A 282 -6.30 3.65 -24.92
CA ILE A 282 -5.52 4.61 -24.13
C ILE A 282 -5.49 4.18 -22.68
N ILE A 283 -6.66 3.82 -22.14
CA ILE A 283 -6.70 3.30 -20.78
C ILE A 283 -5.78 2.07 -20.65
N ASP A 284 -5.87 1.13 -21.62
CA ASP A 284 -5.05 -0.08 -21.56
C ASP A 284 -3.56 0.25 -21.61
N ASN A 285 -3.18 1.23 -22.41
CA ASN A 285 -1.78 1.66 -22.51
C ASN A 285 -1.26 2.19 -21.19
N ASN A 286 -2.15 2.63 -20.32
CA ASN A 286 -1.81 3.18 -19.02
C ASN A 286 -2.29 2.26 -17.91
N SER A 287 -2.32 0.97 -18.21
CA SER A 287 -2.64 -0.09 -17.26
C SER A 287 -1.57 -1.16 -17.38
N GLY A 288 -1.47 -1.97 -16.34
CA GLY A 288 -0.71 -3.20 -16.43
C GLY A 288 0.63 -3.17 -15.74
N LEU A 289 1.55 -3.98 -16.25
CA LEU A 289 2.85 -4.16 -15.61
C LEU A 289 3.62 -2.86 -15.49
N GLN A 290 3.78 -2.14 -16.59
CA GLN A 290 4.63 -0.95 -16.56
C GLN A 290 4.04 0.12 -15.65
N THR A 291 2.74 0.34 -15.75
CA THR A 291 2.09 1.32 -14.89
C THR A 291 2.20 0.92 -13.42
N SER A 292 2.05 -0.37 -13.13
CA SER A 292 2.21 -0.86 -11.76
C SER A 292 3.60 -0.57 -11.22
N GLY A 293 4.64 -0.89 -11.98
CA GLY A 293 5.99 -0.56 -11.54
C GLY A 293 6.20 0.93 -11.35
N TRP A 294 5.65 1.75 -12.25
CA TRP A 294 5.85 3.19 -12.19
C TRP A 294 5.20 3.77 -10.94
N LEU A 295 3.99 3.34 -10.62
CA LEU A 295 3.33 3.81 -9.40
C LEU A 295 4.15 3.49 -8.16
N GLY A 296 4.60 2.24 -8.04
CA GLY A 296 5.44 1.88 -6.91
C GLY A 296 6.74 2.69 -6.87
N ARG A 297 7.41 2.86 -8.02
CA ARG A 297 8.64 3.62 -8.04
C ARG A 297 8.44 5.02 -7.48
N VAL A 298 7.37 5.69 -7.94
CA VAL A 298 7.09 7.08 -7.55
C VAL A 298 6.71 7.16 -6.08
N GLN A 299 5.94 6.17 -5.59
CA GLN A 299 5.57 6.20 -4.17
C GLN A 299 6.83 6.09 -3.29
N GLN A 300 7.72 5.18 -3.64
CA GLN A 300 8.96 5.07 -2.86
C GLN A 300 9.87 6.28 -3.06
N ALA A 301 9.84 6.91 -4.24
CA ALA A 301 10.67 8.09 -4.45
C ALA A 301 10.29 9.24 -3.53
N GLY A 302 9.10 9.23 -2.96
CA GLY A 302 8.71 10.27 -2.02
C GLY A 302 9.17 10.03 -0.61
N ASP A 303 9.84 8.91 -0.35
CA ASP A 303 10.24 8.61 1.02
C ASP A 303 11.28 9.61 1.51
N ALA A 304 12.25 9.94 0.65
CA ALA A 304 13.26 10.93 0.99
C ALA A 304 12.64 12.20 1.58
N ALA A 305 11.61 12.74 0.93
CA ALA A 305 11.00 13.99 1.38
C ALA A 305 10.33 13.82 2.74
N GLY A 306 9.72 12.67 2.99
CA GLY A 306 9.11 12.45 4.29
C GLY A 306 10.14 12.40 5.42
N ARG A 307 11.20 11.62 5.23
CA ARG A 307 12.30 11.59 6.21
C ARG A 307 12.80 13.00 6.48
N GLN A 308 13.01 13.79 5.42
CA GLN A 308 13.56 15.13 5.62
C GLN A 308 12.60 16.03 6.40
N ALA A 309 11.29 15.90 6.16
CA ALA A 309 10.33 16.63 6.96
C ALA A 309 10.44 16.28 8.44
N ALA A 310 10.57 14.99 8.75
CA ALA A 310 10.82 14.59 10.14
C ALA A 310 12.09 15.23 10.66
N LEU A 311 13.18 15.15 9.88
CA LEU A 311 14.46 15.68 10.33
C LEU A 311 14.37 17.18 10.56
N ALA A 312 13.66 17.88 9.69
CA ALA A 312 13.55 19.33 9.84
C ALA A 312 12.76 19.72 11.09
N HIS A 313 11.81 18.89 11.49
CA HIS A 313 11.01 19.09 12.70
C HIS A 313 11.78 18.74 13.96
N LYS A 314 13.06 18.35 13.85
CA LYS A 314 13.89 18.00 15.00
C LYS A 314 13.36 16.74 15.70
N ASN A 315 13.06 15.73 14.89
CA ASN A 315 12.66 14.43 15.40
C ASN A 315 13.87 13.49 15.37
N THR A 316 13.76 12.40 16.11
CA THR A 316 14.83 11.42 16.23
C THR A 316 14.54 10.25 15.32
N ILE A 317 15.43 10.02 14.35
CA ILE A 317 15.35 8.93 13.40
C ILE A 317 16.44 7.93 13.77
N TYR A 318 16.07 6.67 13.82
CA TYR A 318 16.98 5.57 14.09
C TYR A 318 16.83 4.53 12.99
N ALA A 319 17.94 3.95 12.57
CA ALA A 319 17.93 2.87 11.59
C ALA A 319 18.28 1.57 12.30
N ILE A 320 17.36 0.62 12.25
CA ILE A 320 17.54 -0.69 12.87
C ILE A 320 18.52 -1.48 12.00
N PRO A 321 19.66 -1.89 12.54
CA PRO A 321 20.66 -2.60 11.73
C PRO A 321 20.21 -4.00 11.35
N ALA A 322 20.89 -4.55 10.34
CA ALA A 322 20.49 -5.84 9.77
C ALA A 322 20.49 -6.94 10.82
N LEU A 323 21.43 -6.89 11.77
CA LEU A 323 21.56 -7.90 12.81
C LEU A 323 20.35 -7.91 13.73
N GLU A 324 19.89 -6.74 14.16
CA GLU A 324 18.65 -6.68 14.94
C GLU A 324 17.44 -6.99 14.06
N ALA A 325 17.48 -6.59 12.79
CA ALA A 325 16.39 -6.95 11.91
C ALA A 325 16.14 -8.45 11.97
N GLN A 326 17.19 -9.24 12.18
CA GLN A 326 17.02 -10.69 12.24
C GLN A 326 16.14 -11.11 13.43
N GLU A 327 16.17 -10.34 14.51
CA GLU A 327 15.28 -10.63 15.65
C GLU A 327 13.83 -10.30 15.31
N PHE A 328 13.59 -9.24 14.54
CA PHE A 328 12.24 -8.99 14.03
C PHE A 328 11.77 -10.16 13.16
N LYS A 329 12.62 -10.64 12.24
CA LYS A 329 12.17 -11.71 11.34
C LYS A 329 11.89 -12.98 12.13
N ARG A 330 12.70 -13.22 13.16
CA ARG A 330 12.51 -14.39 14.01
C ARG A 330 11.15 -14.34 14.71
N LYS A 331 10.81 -13.17 15.26
CA LYS A 331 9.57 -13.01 16.00
C LYS A 331 8.36 -13.06 15.10
N ALA A 332 8.54 -12.67 13.84
CA ALA A 332 7.45 -12.52 12.89
C ALA A 332 7.32 -13.69 11.95
N ALA A 333 8.17 -14.71 12.11
CA ALA A 333 8.29 -15.78 11.13
C ALA A 333 7.02 -16.61 11.00
N VAL A 334 6.21 -16.64 12.06
CA VAL A 334 5.01 -17.44 12.00
C VAL A 334 3.94 -16.80 11.12
N VAL A 335 4.05 -15.49 10.82
CA VAL A 335 2.98 -14.83 10.09
C VAL A 335 2.77 -15.47 8.74
N GLU A 336 3.86 -15.75 8.00
CA GLU A 336 3.69 -16.36 6.67
C GLU A 336 3.21 -17.80 6.76
N VAL A 337 3.63 -18.54 7.80
CA VAL A 337 3.13 -19.90 8.01
C VAL A 337 1.62 -19.89 8.22
N ALA A 338 1.14 -18.98 9.05
CA ALA A 338 -0.30 -18.86 9.28
C ALA A 338 -1.06 -18.42 8.03
N TRP A 339 -0.47 -17.57 7.20
CA TRP A 339 -1.12 -17.14 5.97
C TRP A 339 -1.29 -18.31 5.00
N VAL A 340 -0.23 -19.13 4.85
CA VAL A 340 -0.33 -20.31 4.00
C VAL A 340 -1.45 -21.22 4.47
N GLU A 341 -1.54 -21.42 5.78
CA GLU A 341 -2.59 -22.28 6.32
C GLU A 341 -3.97 -21.68 6.06
N ASP A 342 -4.12 -20.36 6.22
CA ASP A 342 -5.39 -19.69 5.93
C ASP A 342 -5.77 -19.82 4.45
N MET A 343 -4.79 -19.70 3.55
CA MET A 343 -5.10 -19.86 2.13
C MET A 343 -5.55 -21.30 1.84
N ASN A 344 -4.88 -22.29 2.42
CA ASN A 344 -5.28 -23.66 2.20
C ASN A 344 -6.72 -23.89 2.67
N GLN A 345 -7.08 -23.34 3.84
CA GLN A 345 -8.44 -23.48 4.31
C GLN A 345 -9.45 -22.77 3.40
N ARG A 346 -9.02 -21.76 2.65
CA ARG A 346 -9.89 -21.08 1.69
C ARG A 346 -9.96 -21.79 0.35
N GLY A 347 -9.31 -22.94 0.21
CA GLY A 347 -9.34 -23.72 -1.00
C GLY A 347 -8.27 -23.36 -2.00
N PHE A 348 -7.38 -22.45 -1.64
CA PHE A 348 -6.26 -22.04 -2.47
C PHE A 348 -5.03 -22.87 -2.16
N ASP A 349 -4.02 -22.76 -3.04
CA ASP A 349 -2.76 -23.51 -2.89
C ASP A 349 -1.74 -22.57 -2.25
N GLY A 350 -1.79 -22.50 -0.92
CA GLY A 350 -1.09 -21.44 -0.20
C GLY A 350 0.42 -21.52 -0.38
N ARG A 351 0.96 -22.72 -0.31
CA ARG A 351 2.38 -22.94 -0.56
C ARG A 351 2.79 -22.49 -1.96
N GLN A 352 1.97 -22.81 -2.98
CA GLN A 352 2.28 -22.34 -4.32
C GLN A 352 2.26 -20.83 -4.40
N LEU A 353 1.27 -20.19 -3.76
CA LEU A 353 1.18 -18.73 -3.87
C LEU A 353 2.39 -18.04 -3.27
N LEU A 354 2.86 -18.53 -2.14
CA LEU A 354 4.00 -17.89 -1.50
C LEU A 354 5.29 -18.13 -2.28
N THR A 355 5.45 -19.35 -2.80
CA THR A 355 6.58 -19.70 -3.66
C THR A 355 6.60 -18.83 -4.90
N THR A 356 5.45 -18.67 -5.54
CA THR A 356 5.40 -17.83 -6.73
C THR A 356 5.73 -16.39 -6.37
N ALA A 357 5.17 -15.88 -5.27
CA ALA A 357 5.39 -14.47 -4.94
C ALA A 357 6.87 -14.16 -4.75
N ARG A 358 7.59 -15.03 -4.04
N ARG A 358 7.59 -15.03 -4.03
CA ARG A 358 9.02 -14.79 -3.85
CA ARG A 358 9.02 -14.79 -3.85
C ARG A 358 9.76 -14.85 -5.17
C ARG A 358 9.75 -14.84 -5.19
N ALA A 359 9.41 -15.81 -6.02
CA ALA A 359 10.07 -15.92 -7.33
C ALA A 359 9.82 -14.69 -8.18
N LEU A 360 8.58 -14.17 -8.17
CA LEU A 360 8.24 -13.03 -9.03
C LEU A 360 8.95 -11.77 -8.54
N ILE A 361 9.05 -11.61 -7.23
CA ILE A 361 9.82 -10.49 -6.68
C ILE A 361 11.28 -10.60 -7.13
N ALA A 362 11.84 -11.82 -7.05
CA ALA A 362 13.21 -12.03 -7.49
C ALA A 362 13.40 -11.69 -8.95
N LYS A 363 12.48 -12.13 -9.80
CA LYS A 363 12.58 -11.90 -11.23
C LYS A 363 12.50 -10.42 -11.58
N HIS A 364 11.52 -9.72 -11.02
CA HIS A 364 11.39 -8.33 -11.41
C HIS A 364 12.41 -7.44 -10.76
N SER A 365 13.06 -7.92 -9.70
CA SER A 365 14.18 -7.19 -9.14
C SER A 365 15.40 -7.24 -10.05
N LYS A 366 15.45 -8.21 -10.97
CA LYS A 366 16.50 -8.19 -12.00
C LYS A 366 16.27 -7.09 -13.02
N VAL A 367 15.02 -6.70 -13.25
CA VAL A 367 14.68 -5.63 -14.19
C VAL A 367 14.83 -4.26 -13.54
N ALA A 368 14.20 -4.10 -12.38
CA ALA A 368 14.17 -2.87 -11.58
C ALA A 368 15.03 -3.12 -10.35
N ALA A 369 16.33 -2.89 -10.46
CA ALA A 369 17.26 -3.36 -9.42
C ALA A 369 17.50 -2.32 -8.32
#